data_6UH2
#
_entry.id   6UH2
#
_cell.length_a   63.360
_cell.length_b   131.260
_cell.length_c   120.420
_cell.angle_alpha   90.000
_cell.angle_beta   90.000
_cell.angle_gamma   90.000
#
_symmetry.space_group_name_H-M   'C 2 2 21'
#
loop_
_entity.id
_entity.type
_entity.pdbx_description
1 polymer 'Short chain dehydrogenase'
2 non-polymer NICOTINAMIDE-ADENINE-DINUCLEOTIDE
3 water water
#
_entity_poly.entity_id   1
_entity_poly.type   'polypeptide(L)'
_entity_poly.pdbx_seq_one_letter_code
;MAHHHHHHMILKNFSDEFQDKLVLITGGSGQIGSELVESYLSVSARVICLDPEQPSVDYKSNRFEWIQADITNRKEIKEI
FLSLENQNKIPDILINCAGISVFTPFEDRTDEEFNEVVHVNLNGTFLLSQYTFRLWKEKGKKGIILNFGSIYGVSIADMR
IYGDSGRNSPEVYAMTKAGIIHFTKYLARYAAPYGIRVNCISPGGIFANQSSDFIQNYIYKTPLGRMGNPSDLVGGVFFL
TSSLSEYVTGQNLLIDGGFTIGD
;
_entity_poly.pdbx_strand_id   A,B
#
loop_
_chem_comp.id
_chem_comp.type
_chem_comp.name
_chem_comp.formula
NAD non-polymer NICOTINAMIDE-ADENINE-DINUCLEOTIDE 'C21 H27 N7 O14 P2'
#
# COMPACT_ATOMS: atom_id res chain seq x y z
N HIS A 3 11.13 -19.97 32.09
CA HIS A 3 10.58 -19.74 30.76
C HIS A 3 11.64 -19.87 29.67
N HIS A 4 11.44 -20.83 28.78
CA HIS A 4 12.33 -21.07 27.64
C HIS A 4 11.54 -20.80 26.37
N HIS A 5 11.87 -19.72 25.66
CA HIS A 5 11.16 -19.33 24.45
C HIS A 5 11.91 -19.88 23.24
N HIS A 6 11.22 -20.68 22.44
CA HIS A 6 11.78 -21.28 21.23
C HIS A 6 11.18 -20.59 20.02
N HIS A 7 12.04 -19.99 19.19
CA HIS A 7 11.60 -19.23 18.02
C HIS A 7 11.90 -20.04 16.76
N HIS A 8 10.86 -20.29 15.98
CA HIS A 8 10.95 -21.08 14.75
C HIS A 8 10.63 -20.19 13.55
N MET A 9 11.44 -20.31 12.50
CA MET A 9 11.33 -19.48 11.31
C MET A 9 10.86 -20.35 10.15
N ILE A 10 9.60 -20.21 9.76
CA ILE A 10 9.04 -20.95 8.63
C ILE A 10 9.21 -20.09 7.38
N LEU A 11 10.08 -20.53 6.48
CA LEU A 11 10.36 -19.79 5.25
C LEU A 11 9.27 -20.04 4.22
N LYS A 12 8.74 -18.96 3.64
CA LYS A 12 7.68 -19.04 2.66
C LYS A 12 8.02 -18.17 1.45
N ASN A 13 7.31 -18.40 0.35
CA ASN A 13 7.49 -17.66 -0.89
C ASN A 13 6.13 -17.14 -1.36
N PHE A 14 6.13 -16.23 -2.34
CA PHE A 14 4.85 -15.85 -2.93
C PHE A 14 4.18 -17.03 -3.58
N SER A 15 4.94 -18.08 -3.93
CA SER A 15 4.32 -19.34 -4.31
C SER A 15 3.41 -19.85 -3.20
N ASP A 16 3.86 -19.75 -1.95
CA ASP A 16 3.01 -20.19 -0.84
C ASP A 16 1.74 -19.36 -0.77
N GLU A 17 1.81 -18.07 -1.09
CA GLU A 17 0.59 -17.27 -1.16
C GLU A 17 -0.31 -17.73 -2.29
N PHE A 18 0.24 -17.91 -3.49
CA PHE A 18 -0.57 -17.96 -4.70
C PHE A 18 -0.64 -19.32 -5.37
N GLN A 19 0.16 -20.30 -4.95
CA GLN A 19 0.17 -21.57 -5.66
C GLN A 19 -1.23 -22.16 -5.67
N ASP A 20 -1.67 -22.60 -6.84
CA ASP A 20 -2.96 -23.25 -7.08
C ASP A 20 -4.16 -22.31 -6.89
N LYS A 21 -3.97 -21.04 -6.46
CA LYS A 21 -5.04 -20.05 -6.52
C LYS A 21 -5.39 -19.73 -7.97
N LEU A 22 -6.62 -19.26 -8.18
CA LEU A 22 -7.12 -18.98 -9.53
C LEU A 22 -7.33 -17.49 -9.73
N VAL A 23 -6.63 -16.92 -10.71
CA VAL A 23 -6.64 -15.48 -10.98
C VAL A 23 -7.38 -15.27 -12.29
N LEU A 24 -8.47 -14.49 -12.25
CA LEU A 24 -9.18 -14.09 -13.46
C LEU A 24 -8.77 -12.66 -13.81
N ILE A 25 -8.19 -12.46 -14.98
CA ILE A 25 -7.71 -11.13 -15.35
C ILE A 25 -8.30 -10.73 -16.69
N THR A 26 -9.05 -9.62 -16.70
CA THR A 26 -9.50 -9.05 -17.96
C THR A 26 -8.37 -8.22 -18.55
N GLY A 27 -8.31 -8.17 -19.88
CA GLY A 27 -7.26 -7.41 -20.53
C GLY A 27 -5.88 -8.00 -20.37
N GLY A 28 -5.80 -9.31 -20.11
CA GLY A 28 -4.55 -9.99 -19.80
C GLY A 28 -3.60 -10.11 -20.97
N SER A 29 -4.05 -9.80 -22.19
CA SER A 29 -3.17 -9.81 -23.35
C SER A 29 -2.40 -8.51 -23.56
N GLY A 30 -2.70 -7.46 -22.80
CA GLY A 30 -2.12 -6.15 -23.04
C GLY A 30 -0.76 -6.00 -22.38
N GLN A 31 -0.26 -4.75 -22.38
CA GLN A 31 1.09 -4.53 -21.88
C GLN A 31 1.20 -4.83 -20.40
N ILE A 32 0.32 -4.26 -19.57
CA ILE A 32 0.37 -4.55 -18.14
C ILE A 32 -0.17 -5.94 -17.85
N GLY A 33 -1.27 -6.30 -18.52
CA GLY A 33 -1.93 -7.57 -18.25
C GLY A 33 -1.02 -8.77 -18.47
N SER A 34 -0.22 -8.75 -19.56
CA SER A 34 0.69 -9.86 -19.85
CA SER A 34 0.67 -9.87 -19.83
C SER A 34 1.75 -10.00 -18.77
N GLU A 35 2.24 -8.88 -18.23
CA GLU A 35 3.23 -8.94 -17.15
C GLU A 35 2.62 -9.58 -15.92
N LEU A 36 1.36 -9.24 -15.60
CA LEU A 36 0.72 -9.87 -14.46
C LEU A 36 0.49 -11.35 -14.70
N VAL A 37 0.06 -11.73 -15.90
CA VAL A 37 -0.14 -13.14 -16.22
C VAL A 37 1.15 -13.92 -16.00
N GLU A 38 2.25 -13.42 -16.58
CA GLU A 38 3.54 -14.08 -16.42
C GLU A 38 3.97 -14.14 -14.95
N SER A 39 3.73 -13.07 -14.19
CA SER A 39 4.14 -13.04 -12.79
C SER A 39 3.37 -14.04 -11.95
N TYR A 40 2.05 -14.12 -12.14
CA TYR A 40 1.24 -15.09 -11.39
C TYR A 40 1.57 -16.52 -11.78
N LEU A 41 1.79 -16.78 -13.07
CA LEU A 41 2.18 -18.13 -13.49
C LEU A 41 3.50 -18.55 -12.85
N SER A 42 4.41 -17.60 -12.63
CA SER A 42 5.72 -17.93 -12.10
C SER A 42 5.68 -18.28 -10.61
N VAL A 43 4.59 -17.94 -9.92
CA VAL A 43 4.40 -18.35 -8.52
C VAL A 43 3.35 -19.47 -8.42
N SER A 44 3.16 -20.23 -9.49
CA SER A 44 2.34 -21.44 -9.52
C SER A 44 0.84 -21.18 -9.43
N ALA A 45 0.39 -19.94 -9.67
CA ALA A 45 -1.04 -19.69 -9.76
C ALA A 45 -1.59 -20.19 -11.09
N ARG A 46 -2.89 -20.47 -11.09
CA ARG A 46 -3.65 -20.66 -12.31
C ARG A 46 -4.18 -19.31 -12.76
N VAL A 47 -4.18 -19.07 -14.06
CA VAL A 47 -4.55 -17.76 -14.60
C VAL A 47 -5.50 -17.97 -15.76
N ILE A 48 -6.62 -17.27 -15.73
CA ILE A 48 -7.55 -17.18 -16.85
C ILE A 48 -7.52 -15.75 -17.36
N CYS A 49 -7.22 -15.59 -18.64
CA CYS A 49 -7.21 -14.28 -19.29
C CYS A 49 -8.46 -14.11 -20.13
N LEU A 50 -9.19 -13.01 -19.90
CA LEU A 50 -10.32 -12.63 -20.74
C LEU A 50 -9.89 -11.43 -21.58
N ASP A 51 -9.90 -11.60 -22.90
CA ASP A 51 -9.39 -10.58 -23.80
C ASP A 51 -9.87 -10.92 -25.21
N PRO A 52 -10.34 -9.96 -25.99
CA PRO A 52 -10.66 -10.29 -27.39
C PRO A 52 -9.43 -10.61 -28.21
N GLU A 53 -8.24 -10.26 -27.71
CA GLU A 53 -6.98 -10.46 -28.42
C GLU A 53 -6.23 -11.65 -27.84
N GLN A 54 -5.69 -12.48 -28.73
CA GLN A 54 -4.86 -13.60 -28.31
C GLN A 54 -3.63 -13.11 -27.55
N PRO A 55 -3.14 -13.88 -26.59
CA PRO A 55 -1.94 -13.47 -25.83
C PRO A 55 -0.74 -13.29 -26.74
N SER A 56 0.16 -12.40 -26.32
CA SER A 56 1.34 -12.06 -27.12
C SER A 56 2.34 -13.19 -27.19
N VAL A 57 2.33 -14.10 -26.21
CA VAL A 57 3.32 -15.17 -26.12
C VAL A 57 2.60 -16.47 -25.81
N ASP A 58 3.20 -17.58 -26.23
CA ASP A 58 2.76 -18.89 -25.83
C ASP A 58 3.38 -19.21 -24.47
N TYR A 59 2.55 -19.27 -23.43
CA TYR A 59 3.05 -19.53 -22.10
C TYR A 59 3.41 -21.00 -21.89
N LYS A 60 2.87 -21.91 -22.71
CA LYS A 60 3.23 -23.32 -22.66
C LYS A 60 3.00 -23.90 -21.26
N SER A 61 1.79 -23.68 -20.75
CA SER A 61 1.50 -23.96 -19.35
C SER A 61 0.08 -24.47 -19.21
N ASN A 62 -0.08 -25.61 -18.54
CA ASN A 62 -1.42 -26.13 -18.26
C ASN A 62 -2.18 -25.30 -17.23
N ARG A 63 -1.53 -24.35 -16.57
CA ARG A 63 -2.19 -23.50 -15.59
C ARG A 63 -2.68 -22.18 -16.20
N PHE A 64 -2.50 -21.98 -17.50
CA PHE A 64 -2.96 -20.78 -18.19
C PHE A 64 -4.08 -21.11 -19.16
N GLU A 65 -5.10 -20.26 -19.19
CA GLU A 65 -6.19 -20.44 -20.13
C GLU A 65 -6.59 -19.08 -20.68
N TRP A 66 -6.62 -18.94 -22.00
CA TRP A 66 -7.12 -17.72 -22.63
C TRP A 66 -8.55 -17.95 -23.10
N ILE A 67 -9.45 -17.06 -22.67
CA ILE A 67 -10.84 -17.08 -23.13
C ILE A 67 -11.06 -15.83 -23.96
N GLN A 68 -11.30 -16.00 -25.25
CA GLN A 68 -11.57 -14.87 -26.11
C GLN A 68 -12.93 -14.28 -25.75
N ALA A 69 -12.95 -13.06 -25.21
CA ALA A 69 -14.19 -12.51 -24.69
C ALA A 69 -14.15 -10.99 -24.70
N ASP A 70 -15.34 -10.40 -24.76
CA ASP A 70 -15.54 -8.96 -24.78
C ASP A 70 -16.32 -8.61 -23.52
N ILE A 71 -15.66 -7.92 -22.57
CA ILE A 71 -16.28 -7.65 -21.28
C ILE A 71 -17.41 -6.63 -21.35
N THR A 72 -17.60 -5.97 -22.48
CA THR A 72 -18.77 -5.10 -22.62
C THR A 72 -20.03 -5.89 -22.97
N ASN A 73 -19.92 -7.19 -23.18
CA ASN A 73 -21.03 -8.00 -23.71
C ASN A 73 -21.55 -8.91 -22.61
N ARG A 74 -22.70 -8.55 -22.02
CA ARG A 74 -23.20 -9.33 -20.90
C ARG A 74 -23.47 -10.79 -21.27
N LYS A 75 -23.98 -11.03 -22.47
CA LYS A 75 -24.24 -12.41 -22.88
C LYS A 75 -22.98 -13.26 -22.83
N GLU A 76 -21.85 -12.73 -23.33
CA GLU A 76 -20.61 -13.49 -23.33
C GLU A 76 -20.10 -13.75 -21.92
N ILE A 77 -20.17 -12.73 -21.06
CA ILE A 77 -19.69 -12.86 -19.69
C ILE A 77 -20.57 -13.82 -18.90
N LYS A 78 -21.89 -13.72 -19.07
CA LYS A 78 -22.80 -14.66 -18.41
C LYS A 78 -22.45 -16.10 -18.78
N GLU A 79 -22.23 -16.36 -20.06
CA GLU A 79 -21.90 -17.71 -20.49
C GLU A 79 -20.59 -18.18 -19.87
N ILE A 80 -19.60 -17.29 -19.82
CA ILE A 80 -18.32 -17.65 -19.21
C ILE A 80 -18.50 -18.01 -17.74
N PHE A 81 -19.26 -17.21 -17.00
CA PHE A 81 -19.41 -17.52 -15.58
C PHE A 81 -20.24 -18.77 -15.35
N LEU A 82 -21.19 -19.08 -16.22
CA LEU A 82 -21.84 -20.39 -16.14
C LEU A 82 -20.83 -21.50 -16.30
N SER A 83 -19.97 -21.37 -17.32
CA SER A 83 -18.96 -22.40 -17.57
C SER A 83 -17.99 -22.52 -16.41
N LEU A 84 -17.53 -21.37 -15.87
CA LEU A 84 -16.64 -21.41 -14.73
C LEU A 84 -17.28 -22.15 -13.56
N GLU A 85 -18.51 -21.78 -13.21
CA GLU A 85 -19.20 -22.42 -12.10
C GLU A 85 -19.40 -23.91 -12.38
N ASN A 86 -19.82 -24.25 -13.60
CA ASN A 86 -20.04 -25.64 -13.95
C ASN A 86 -18.77 -26.47 -13.83
N GLN A 87 -17.62 -25.89 -14.13
CA GLN A 87 -16.33 -26.55 -14.00
C GLN A 87 -15.72 -26.37 -12.62
N ASN A 88 -16.40 -25.69 -11.71
CA ASN A 88 -15.89 -25.34 -10.39
C ASN A 88 -14.55 -24.60 -10.46
N LYS A 89 -14.42 -23.74 -11.47
CA LYS A 89 -13.27 -22.82 -11.55
C LYS A 89 -13.71 -21.50 -10.92
N ILE A 90 -13.74 -21.47 -9.59
CA ILE A 90 -14.16 -20.29 -8.84
C ILE A 90 -12.92 -19.41 -8.62
N PRO A 91 -12.86 -18.23 -9.21
CA PRO A 91 -11.67 -17.38 -9.02
C PRO A 91 -11.44 -17.06 -7.55
N ASP A 92 -10.18 -17.01 -7.17
CA ASP A 92 -9.81 -16.41 -5.89
C ASP A 92 -9.60 -14.92 -6.01
N ILE A 93 -9.12 -14.47 -7.16
CA ILE A 93 -8.74 -13.08 -7.39
C ILE A 93 -9.31 -12.67 -8.74
N LEU A 94 -9.96 -11.52 -8.79
CA LEU A 94 -10.37 -10.88 -10.03
C LEU A 94 -9.54 -9.61 -10.22
N ILE A 95 -8.89 -9.47 -11.38
CA ILE A 95 -8.14 -8.27 -11.72
C ILE A 95 -8.82 -7.64 -12.94
N ASN A 96 -9.38 -6.44 -12.76
CA ASN A 96 -10.07 -5.72 -13.84
C ASN A 96 -9.05 -4.82 -14.50
N CYS A 97 -8.23 -5.44 -15.35
CA CYS A 97 -7.13 -4.71 -15.97
C CYS A 97 -7.53 -4.08 -17.29
N ALA A 98 -8.55 -4.60 -17.96
CA ALA A 98 -8.91 -4.07 -19.28
C ALA A 98 -9.27 -2.59 -19.18
N GLY A 99 -8.76 -1.80 -20.13
CA GLY A 99 -9.10 -0.39 -20.22
C GLY A 99 -8.66 0.16 -21.55
N ILE A 100 -9.35 1.20 -22.02
CA ILE A 100 -9.03 1.86 -23.29
C ILE A 100 -9.15 3.37 -23.13
N SER A 101 -8.73 4.07 -24.18
CA SER A 101 -8.80 5.52 -24.21
C SER A 101 -9.00 5.96 -25.65
N VAL A 102 -8.96 7.28 -25.88
CA VAL A 102 -9.15 7.88 -27.20
C VAL A 102 -8.39 9.19 -27.17
N PHE A 103 -7.97 9.68 -28.33
CA PHE A 103 -6.89 10.65 -28.33
C PHE A 103 -7.16 11.95 -29.07
N THR A 104 -8.30 12.09 -29.73
CA THR A 104 -8.66 13.35 -30.39
C THR A 104 -9.14 14.36 -29.34
N PRO A 105 -9.16 15.66 -29.69
CA PRO A 105 -9.53 16.68 -28.71
C PRO A 105 -10.98 16.57 -28.22
N PHE A 106 -11.19 17.08 -27.00
CA PHE A 106 -12.52 17.22 -26.41
C PHE A 106 -13.57 17.71 -27.40
N GLU A 107 -13.27 18.81 -28.11
CA GLU A 107 -14.32 19.40 -28.93
C GLU A 107 -14.69 18.52 -30.11
N ASP A 108 -13.88 17.52 -30.43
CA ASP A 108 -14.15 16.59 -31.51
C ASP A 108 -14.65 15.23 -31.04
N ARG A 109 -14.85 15.04 -29.74
CA ARG A 109 -15.24 13.74 -29.23
C ARG A 109 -16.59 13.34 -29.81
N THR A 110 -16.69 12.12 -30.34
CA THR A 110 -17.96 11.61 -30.81
C THR A 110 -18.63 10.76 -29.72
N ASP A 111 -19.95 10.63 -29.82
CA ASP A 111 -20.66 9.75 -28.89
C ASP A 111 -20.13 8.31 -28.99
N GLU A 112 -19.77 7.87 -30.20
CA GLU A 112 -19.23 6.53 -30.35
C GLU A 112 -17.94 6.35 -29.58
N GLU A 113 -17.03 7.34 -29.68
CA GLU A 113 -15.80 7.31 -28.91
C GLU A 113 -16.08 7.33 -27.41
N PHE A 114 -16.87 8.31 -26.97
CA PHE A 114 -17.19 8.44 -25.55
C PHE A 114 -17.79 7.15 -25.00
N ASN A 115 -18.77 6.58 -25.72
CA ASN A 115 -19.47 5.42 -25.20
C ASN A 115 -18.58 4.18 -25.17
N GLU A 116 -17.64 4.08 -26.11
CA GLU A 116 -16.77 2.91 -26.13
C GLU A 116 -15.84 2.91 -24.94
N VAL A 117 -15.31 4.09 -24.57
CA VAL A 117 -14.43 4.15 -23.41
C VAL A 117 -15.24 3.88 -22.14
N VAL A 118 -16.45 4.44 -22.05
CA VAL A 118 -17.31 4.14 -20.91
C VAL A 118 -17.58 2.64 -20.83
N HIS A 119 -17.88 2.01 -21.96
CA HIS A 119 -18.31 0.61 -21.89
C HIS A 119 -17.16 -0.30 -21.46
N VAL A 120 -15.96 -0.09 -21.99
CA VAL A 120 -14.86 -0.95 -21.56
C VAL A 120 -14.48 -0.64 -20.12
N ASN A 121 -14.29 0.64 -19.80
CA ASN A 121 -13.74 1.01 -18.49
C ASN A 121 -14.79 0.90 -17.38
N LEU A 122 -15.97 1.48 -17.58
CA LEU A 122 -16.99 1.46 -16.54
C LEU A 122 -17.85 0.20 -16.59
N ASN A 123 -18.52 -0.06 -17.73
CA ASN A 123 -19.39 -1.22 -17.81
C ASN A 123 -18.61 -2.52 -17.60
N GLY A 124 -17.42 -2.62 -18.20
CA GLY A 124 -16.65 -3.86 -18.10
C GLY A 124 -16.25 -4.16 -16.66
N THR A 125 -15.79 -3.14 -15.94
CA THR A 125 -15.43 -3.36 -14.53
C THR A 125 -16.67 -3.64 -13.69
N PHE A 126 -17.79 -2.96 -13.97
CA PHE A 126 -19.04 -3.25 -13.28
C PHE A 126 -19.50 -4.67 -13.55
N LEU A 127 -19.54 -5.08 -14.83
CA LEU A 127 -20.06 -6.40 -15.19
C LEU A 127 -19.25 -7.52 -14.55
N LEU A 128 -17.92 -7.49 -14.70
CA LEU A 128 -17.09 -8.55 -14.12
C LEU A 128 -17.21 -8.55 -12.62
N SER A 129 -17.22 -7.37 -11.99
CA SER A 129 -17.39 -7.32 -10.54
C SER A 129 -18.75 -7.86 -10.12
N GLN A 130 -19.80 -7.57 -10.90
CA GLN A 130 -21.14 -8.06 -10.54
C GLN A 130 -21.21 -9.58 -10.64
N TYR A 131 -20.74 -10.15 -11.75
CA TYR A 131 -20.81 -11.61 -11.89
C TYR A 131 -19.93 -12.28 -10.85
N THR A 132 -18.76 -11.71 -10.58
CA THR A 132 -17.84 -12.32 -9.62
C THR A 132 -18.37 -12.21 -8.20
N PHE A 133 -18.89 -11.04 -7.82
CA PHE A 133 -19.50 -10.88 -6.50
C PHE A 133 -20.65 -11.86 -6.28
N ARG A 134 -21.56 -11.99 -7.26
CA ARG A 134 -22.68 -12.91 -7.09
C ARG A 134 -22.20 -14.34 -6.92
N LEU A 135 -21.18 -14.74 -7.69
CA LEU A 135 -20.67 -16.10 -7.60
C LEU A 135 -20.02 -16.35 -6.24
N TRP A 136 -19.17 -15.43 -5.81
CA TRP A 136 -18.49 -15.55 -4.51
C TRP A 136 -19.50 -15.57 -3.37
N LYS A 137 -20.53 -14.72 -3.46
CA LYS A 137 -21.58 -14.69 -2.45
C LYS A 137 -22.27 -16.05 -2.36
N GLU A 138 -22.62 -16.63 -3.50
CA GLU A 138 -23.25 -17.96 -3.51
C GLU A 138 -22.35 -19.00 -2.87
N LYS A 139 -21.04 -18.95 -3.15
CA LYS A 139 -20.10 -19.95 -2.65
C LYS A 139 -19.48 -19.61 -1.29
N GLY A 140 -19.77 -18.42 -0.75
CA GLY A 140 -19.10 -18.00 0.47
C GLY A 140 -17.63 -17.70 0.31
N LYS A 141 -17.18 -17.47 -0.92
CA LYS A 141 -15.76 -17.28 -1.20
C LYS A 141 -15.30 -15.89 -0.77
N LYS A 142 -14.21 -15.83 0.00
CA LYS A 142 -13.65 -14.55 0.43
C LYS A 142 -12.68 -14.03 -0.65
N GLY A 143 -13.24 -13.73 -1.80
CA GLY A 143 -12.44 -13.34 -2.94
C GLY A 143 -11.87 -11.94 -2.79
N ILE A 144 -10.93 -11.60 -3.68
CA ILE A 144 -10.30 -10.29 -3.70
C ILE A 144 -10.42 -9.72 -5.11
N ILE A 145 -10.85 -8.46 -5.21
CA ILE A 145 -10.94 -7.74 -6.47
C ILE A 145 -9.85 -6.68 -6.50
N LEU A 146 -9.19 -6.55 -7.65
CA LEU A 146 -8.25 -5.46 -7.88
C LEU A 146 -8.63 -4.76 -9.17
N ASN A 147 -8.97 -3.49 -9.07
CA ASN A 147 -9.31 -2.66 -10.23
C ASN A 147 -8.10 -1.84 -10.65
N PHE A 148 -8.16 -1.33 -11.88
CA PHE A 148 -7.09 -0.50 -12.40
C PHE A 148 -7.63 0.90 -12.67
N GLY A 149 -7.09 1.88 -11.94
CA GLY A 149 -7.42 3.26 -12.20
C GLY A 149 -6.36 3.86 -13.12
N SER A 150 -5.89 5.05 -12.77
CA SER A 150 -4.88 5.80 -13.51
C SER A 150 -4.56 7.04 -12.72
N ILE A 151 -3.34 7.55 -12.90
CA ILE A 151 -3.03 8.89 -12.40
C ILE A 151 -4.04 9.91 -12.91
N TYR A 152 -4.62 9.67 -14.08
CA TYR A 152 -5.53 10.65 -14.66
C TYR A 152 -6.95 10.54 -14.13
N GLY A 153 -7.21 9.57 -13.25
CA GLY A 153 -8.41 9.55 -12.45
C GLY A 153 -8.25 10.27 -11.13
N VAL A 154 -7.04 10.76 -10.86
CA VAL A 154 -6.72 11.50 -9.64
C VAL A 154 -6.24 12.91 -9.97
N SER A 155 -5.23 13.03 -10.85
CA SER A 155 -4.78 14.30 -11.40
C SER A 155 -5.48 14.54 -12.75
N ILE A 156 -5.19 15.68 -13.35
CA ILE A 156 -5.66 16.01 -14.69
C ILE A 156 -4.46 16.10 -15.62
N ALA A 157 -4.57 15.44 -16.77
CA ALA A 157 -3.49 15.47 -17.76
C ALA A 157 -3.24 16.89 -18.26
N ASP A 158 -1.96 17.20 -18.49
CA ASP A 158 -1.54 18.47 -19.06
C ASP A 158 -1.53 18.36 -20.57
N MET A 159 -2.38 19.13 -21.25
CA MET A 159 -2.48 19.00 -22.70
C MET A 159 -1.19 19.43 -23.38
N ARG A 160 -0.43 20.33 -22.75
CA ARG A 160 0.82 20.82 -23.31
C ARG A 160 1.91 19.74 -23.37
N ILE A 161 1.77 18.65 -22.60
CA ILE A 161 2.81 17.62 -22.57
C ILE A 161 2.91 16.81 -23.85
N TYR A 162 1.93 16.90 -24.74
CA TYR A 162 1.86 16.02 -25.91
C TYR A 162 2.42 16.65 -27.18
N ASN A 168 -3.13 12.73 -26.49
CA ASN A 168 -3.79 13.61 -25.52
C ASN A 168 -4.86 12.85 -24.75
N SER A 169 -4.79 12.91 -23.43
CA SER A 169 -5.74 12.16 -22.61
C SER A 169 -7.10 12.85 -22.64
N PRO A 170 -8.18 12.12 -22.88
CA PRO A 170 -9.48 12.75 -23.09
C PRO A 170 -10.28 12.84 -21.82
N GLU A 171 -11.32 13.68 -21.88
CA GLU A 171 -12.21 13.90 -20.75
C GLU A 171 -12.83 12.58 -20.27
N VAL A 172 -13.19 11.69 -21.20
CA VAL A 172 -13.92 10.49 -20.82
C VAL A 172 -13.00 9.52 -20.07
N TYR A 173 -11.70 9.58 -20.33
CA TYR A 173 -10.77 8.74 -19.58
C TYR A 173 -10.68 9.21 -18.13
N ALA A 174 -10.60 10.52 -17.92
CA ALA A 174 -10.62 11.09 -16.57
C ALA A 174 -11.92 10.72 -15.86
N MET A 175 -13.05 10.85 -16.56
CA MET A 175 -14.34 10.49 -15.99
C MET A 175 -14.37 9.02 -15.57
N THR A 176 -14.02 8.11 -16.50
CA THR A 176 -14.18 6.70 -16.19
C THR A 176 -13.15 6.23 -15.16
N LYS A 177 -11.92 6.75 -15.18
CA LYS A 177 -10.96 6.30 -14.16
C LYS A 177 -11.31 6.86 -12.78
N ALA A 178 -11.77 8.10 -12.69
CA ALA A 178 -12.32 8.57 -11.41
C ALA A 178 -13.49 7.71 -10.96
N GLY A 179 -14.34 7.27 -11.90
CA GLY A 179 -15.45 6.42 -11.54
C GLY A 179 -15.02 5.05 -11.04
N ILE A 180 -13.97 4.48 -11.65
CA ILE A 180 -13.44 3.20 -11.17
C ILE A 180 -12.86 3.32 -9.78
N ILE A 181 -12.13 4.41 -9.51
CA ILE A 181 -11.59 4.63 -8.19
C ILE A 181 -12.71 4.72 -7.15
N HIS A 182 -13.78 5.43 -7.48
CA HIS A 182 -14.86 5.54 -6.48
C HIS A 182 -15.67 4.27 -6.38
N PHE A 183 -15.83 3.54 -7.48
CA PHE A 183 -16.54 2.25 -7.44
C PHE A 183 -15.78 1.26 -6.58
N THR A 184 -14.45 1.35 -6.58
CA THR A 184 -13.64 0.52 -5.69
C THR A 184 -14.04 0.75 -4.24
N LYS A 185 -14.17 2.01 -3.84
CA LYS A 185 -14.62 2.30 -2.49
C LYS A 185 -16.03 1.81 -2.25
N TYR A 186 -16.90 2.01 -3.24
CA TYR A 186 -18.30 1.60 -3.05
C TYR A 186 -18.41 0.10 -2.86
N LEU A 187 -17.80 -0.68 -3.74
CA LEU A 187 -17.93 -2.12 -3.66
C LEU A 187 -17.16 -2.67 -2.45
N ALA A 188 -16.09 -1.98 -2.04
CA ALA A 188 -15.40 -2.43 -0.83
C ALA A 188 -16.31 -2.36 0.38
N ARG A 189 -17.08 -1.27 0.51
CA ARG A 189 -18.00 -1.18 1.63
C ARG A 189 -19.16 -2.15 1.46
N TYR A 190 -19.64 -2.30 0.23
CA TYR A 190 -20.79 -3.15 -0.05
C TYR A 190 -20.47 -4.64 0.17
N ALA A 191 -19.28 -5.08 -0.24
CA ALA A 191 -18.91 -6.49 -0.23
C ALA A 191 -18.21 -6.93 1.05
N ALA A 192 -17.77 -5.96 1.88
CA ALA A 192 -17.07 -6.31 3.12
C ALA A 192 -17.82 -7.31 4.01
N PRO A 193 -19.15 -7.22 4.22
CA PRO A 193 -19.81 -8.22 5.09
C PRO A 193 -19.64 -9.64 4.60
N TYR A 194 -19.31 -9.84 3.34
CA TYR A 194 -19.11 -11.17 2.80
C TYR A 194 -17.66 -11.60 2.85
N GLY A 195 -16.79 -10.78 3.45
CA GLY A 195 -15.38 -11.10 3.53
C GLY A 195 -14.62 -10.82 2.26
N ILE A 196 -15.20 -10.05 1.34
CA ILE A 196 -14.59 -9.78 0.04
C ILE A 196 -13.88 -8.43 0.12
N ARG A 197 -12.63 -8.37 -0.34
CA ARG A 197 -11.85 -7.12 -0.37
C ARG A 197 -11.77 -6.58 -1.79
N VAL A 198 -11.74 -5.25 -1.91
CA VAL A 198 -11.72 -4.56 -3.21
C VAL A 198 -10.78 -3.37 -3.08
N ASN A 199 -9.73 -3.35 -3.91
CA ASN A 199 -8.80 -2.24 -3.94
C ASN A 199 -8.52 -1.87 -5.39
N CYS A 200 -7.69 -0.87 -5.59
CA CYS A 200 -7.44 -0.32 -6.92
C CYS A 200 -5.98 0.09 -7.01
N ILE A 201 -5.36 -0.10 -8.17
CA ILE A 201 -4.03 0.43 -8.44
C ILE A 201 -4.15 1.43 -9.58
N SER A 202 -3.59 2.61 -9.38
CA SER A 202 -3.56 3.63 -10.43
C SER A 202 -2.13 3.81 -10.92
N PRO A 203 -1.76 3.24 -12.05
CA PRO A 203 -0.40 3.43 -12.56
C PRO A 203 -0.18 4.84 -13.06
N GLY A 204 1.06 5.28 -12.93
CA GLY A 204 1.52 6.41 -13.72
C GLY A 204 1.80 5.98 -15.14
N GLY A 205 2.27 6.92 -15.94
CA GLY A 205 2.60 6.63 -17.32
C GLY A 205 3.54 5.45 -17.48
N ILE A 206 3.14 4.49 -18.31
CA ILE A 206 3.96 3.32 -18.59
C ILE A 206 4.62 3.53 -19.95
N PHE A 207 5.92 3.31 -20.01
CA PHE A 207 6.64 3.45 -21.28
C PHE A 207 6.09 2.44 -22.29
N ALA A 208 5.60 2.95 -23.42
CA ALA A 208 5.06 2.12 -24.48
C ALA A 208 5.48 2.65 -25.86
N ASN A 209 4.61 3.39 -26.53
CA ASN A 209 4.90 3.96 -27.85
C ASN A 209 4.65 5.46 -27.84
N GLN A 210 5.37 6.17 -26.99
CA GLN A 210 5.23 7.62 -26.87
C GLN A 210 6.47 8.31 -27.45
N SER A 211 6.24 9.48 -28.04
CA SER A 211 7.34 10.28 -28.56
C SER A 211 8.19 10.82 -27.43
N SER A 212 9.51 10.89 -27.67
CA SER A 212 10.41 11.37 -26.62
C SER A 212 10.17 12.84 -26.29
N ASP A 213 9.40 13.56 -27.11
CA ASP A 213 8.88 14.85 -26.67
C ASP A 213 7.97 14.68 -25.46
N PHE A 214 7.03 13.75 -25.55
CA PHE A 214 6.14 13.46 -24.42
C PHE A 214 6.93 12.89 -23.24
N ILE A 215 7.83 11.94 -23.51
CA ILE A 215 8.59 11.30 -22.44
C ILE A 215 9.36 12.32 -21.62
N GLN A 216 10.07 13.22 -22.30
CA GLN A 216 10.83 14.24 -21.58
C GLN A 216 9.91 15.09 -20.71
N ASN A 217 8.79 15.54 -21.27
CA ASN A 217 7.84 16.33 -20.49
C ASN A 217 7.28 15.52 -19.32
N TYR A 218 7.03 14.22 -19.53
CA TYR A 218 6.48 13.40 -18.46
C TYR A 218 7.50 13.20 -17.34
N ILE A 219 8.74 12.87 -17.69
CA ILE A 219 9.79 12.66 -16.70
C ILE A 219 10.05 13.93 -15.90
N TYR A 220 9.86 15.11 -16.51
CA TYR A 220 10.05 16.35 -15.78
C TYR A 220 9.08 16.46 -14.61
N LYS A 221 7.85 15.98 -14.79
CA LYS A 221 6.86 16.02 -13.73
C LYS A 221 6.98 14.85 -12.76
N THR A 222 7.86 13.87 -13.02
CA THR A 222 7.91 12.67 -12.18
C THR A 222 9.09 12.76 -11.23
N PRO A 223 8.88 12.84 -9.92
CA PRO A 223 10.03 12.93 -8.99
C PRO A 223 11.06 11.83 -9.17
N LEU A 224 10.64 10.57 -9.31
CA LEU A 224 11.61 9.50 -9.47
C LEU A 224 12.31 9.53 -10.83
N GLY A 225 11.95 10.47 -11.70
CA GLY A 225 12.77 10.79 -12.85
C GLY A 225 12.77 9.76 -13.97
N ARG A 226 11.70 8.97 -14.09
CA ARG A 226 11.60 8.01 -15.18
C ARG A 226 10.16 7.59 -15.32
N MET A 227 9.83 7.05 -16.49
CA MET A 227 8.52 6.45 -16.69
C MET A 227 8.48 5.07 -16.04
N GLY A 228 7.27 4.57 -15.82
CA GLY A 228 7.12 3.24 -15.28
C GLY A 228 7.23 2.16 -16.32
N ASN A 229 7.44 0.95 -15.84
CA ASN A 229 7.37 -0.29 -16.61
C ASN A 229 6.35 -1.19 -15.96
N PRO A 230 5.78 -2.15 -16.71
CA PRO A 230 4.84 -3.09 -16.09
C PRO A 230 5.41 -3.78 -14.87
N SER A 231 6.71 -4.08 -14.87
CA SER A 231 7.31 -4.74 -13.71
C SER A 231 7.22 -3.90 -12.45
N ASP A 232 7.17 -2.57 -12.59
CA ASP A 232 7.00 -1.70 -11.42
C ASP A 232 5.67 -1.90 -10.70
N LEU A 233 4.68 -2.50 -11.36
CA LEU A 233 3.36 -2.65 -10.74
C LEU A 233 3.17 -3.98 -10.03
N VAL A 234 4.05 -4.96 -10.29
CA VAL A 234 3.80 -6.33 -9.83
C VAL A 234 3.79 -6.41 -8.31
N GLY A 235 4.72 -5.71 -7.65
CA GLY A 235 4.78 -5.77 -6.18
C GLY A 235 3.49 -5.28 -5.54
N GLY A 236 2.94 -4.17 -6.04
CA GLY A 236 1.69 -3.68 -5.48
C GLY A 236 0.53 -4.60 -5.79
N VAL A 237 0.52 -5.16 -7.00
CA VAL A 237 -0.52 -6.13 -7.36
C VAL A 237 -0.48 -7.32 -6.41
N PHE A 238 0.71 -7.90 -6.22
CA PHE A 238 0.85 -9.01 -5.28
C PHE A 238 0.48 -8.59 -3.85
N PHE A 239 0.91 -7.39 -3.43
CA PHE A 239 0.57 -6.91 -2.10
C PHE A 239 -0.93 -6.90 -1.89
N LEU A 240 -1.66 -6.28 -2.81
CA LEU A 240 -3.10 -6.08 -2.66
C LEU A 240 -3.93 -7.34 -2.92
N THR A 241 -3.32 -8.42 -3.42
CA THR A 241 -4.08 -9.64 -3.64
C THR A 241 -3.62 -10.79 -2.77
N SER A 242 -2.78 -10.53 -1.76
CA SER A 242 -2.23 -11.56 -0.89
C SER A 242 -2.64 -11.31 0.56
N SER A 243 -2.27 -12.24 1.45
CA SER A 243 -2.52 -12.08 2.87
C SER A 243 -1.74 -10.92 3.47
N LEU A 244 -0.76 -10.36 2.77
CA LEU A 244 -0.03 -9.20 3.26
C LEU A 244 -0.94 -8.00 3.47
N SER A 245 -2.11 -7.98 2.83
CA SER A 245 -3.01 -6.83 2.91
C SER A 245 -4.40 -7.21 3.43
N GLU A 246 -4.46 -8.20 4.32
CA GLU A 246 -5.74 -8.69 4.87
C GLU A 246 -6.64 -7.58 5.40
N TYR A 247 -6.08 -6.53 5.98
CA TYR A 247 -6.86 -5.45 6.60
C TYR A 247 -6.95 -4.22 5.71
N VAL A 248 -6.66 -4.35 4.42
CA VAL A 248 -6.68 -3.23 3.47
C VAL A 248 -7.85 -3.44 2.52
N THR A 249 -8.82 -2.53 2.54
CA THR A 249 -9.87 -2.60 1.54
C THR A 249 -10.35 -1.19 1.22
N GLY A 250 -10.85 -1.01 0.00
CA GLY A 250 -11.33 0.28 -0.48
C GLY A 250 -10.26 1.26 -0.91
N GLN A 251 -9.00 0.84 -1.00
CA GLN A 251 -7.90 1.77 -1.20
C GLN A 251 -7.51 1.90 -2.68
N ASN A 252 -7.05 3.09 -3.05
CA ASN A 252 -6.44 3.35 -4.35
C ASN A 252 -4.95 3.57 -4.13
N LEU A 253 -4.12 2.73 -4.75
CA LEU A 253 -2.67 2.78 -4.59
C LEU A 253 -2.06 3.36 -5.86
N LEU A 254 -1.45 4.53 -5.76
CA LEU A 254 -0.81 5.18 -6.89
C LEU A 254 0.63 4.69 -7.01
N ILE A 255 0.97 4.11 -8.17
CA ILE A 255 2.32 3.63 -8.42
C ILE A 255 2.82 4.46 -9.60
N ASP A 256 3.43 5.61 -9.29
CA ASP A 256 3.65 6.61 -10.34
C ASP A 256 4.93 7.41 -10.16
N GLY A 257 5.87 6.94 -9.35
CA GLY A 257 7.08 7.68 -9.12
C GLY A 257 6.88 9.05 -8.53
N GLY A 258 5.71 9.30 -7.90
CA GLY A 258 5.43 10.61 -7.33
C GLY A 258 4.78 11.61 -8.26
N PHE A 259 4.32 11.16 -9.44
CA PHE A 259 3.71 12.08 -10.41
C PHE A 259 2.60 12.92 -9.79
N THR A 260 1.68 12.31 -9.04
CA THR A 260 0.47 12.99 -8.58
C THR A 260 0.62 13.60 -7.19
N ILE A 261 1.83 13.89 -6.75
CA ILE A 261 2.03 14.39 -5.39
C ILE A 261 1.39 15.77 -5.22
N ALA B 2 8.77 -23.85 32.09
CA ALA B 2 7.79 -23.91 31.01
C ALA B 2 8.42 -23.54 29.68
N HIS B 3 7.99 -24.21 28.60
CA HIS B 3 8.50 -23.97 27.26
C HIS B 3 7.43 -23.29 26.42
N HIS B 4 7.83 -22.30 25.63
CA HIS B 4 6.91 -21.53 24.80
C HIS B 4 7.46 -21.47 23.39
N HIS B 5 6.69 -21.99 22.42
CA HIS B 5 7.13 -22.04 21.04
C HIS B 5 6.47 -20.93 20.23
N HIS B 6 7.29 -20.25 19.42
CA HIS B 6 6.85 -19.15 18.57
C HIS B 6 7.19 -19.48 17.12
N HIS B 7 6.26 -19.20 16.22
CA HIS B 7 6.42 -19.49 14.80
C HIS B 7 6.30 -18.19 14.02
N HIS B 8 7.36 -17.84 13.29
CA HIS B 8 7.42 -16.62 12.50
C HIS B 8 7.48 -17.01 11.02
N MET B 9 6.43 -16.67 10.27
CA MET B 9 6.41 -16.91 8.83
C MET B 9 7.18 -15.82 8.13
N ILE B 10 8.26 -16.20 7.44
CA ILE B 10 9.15 -15.25 6.78
C ILE B 10 9.04 -15.46 5.27
N LEU B 11 8.88 -14.37 4.53
CA LEU B 11 8.81 -14.42 3.08
C LEU B 11 10.22 -14.29 2.51
N LYS B 12 10.64 -15.30 1.74
CA LYS B 12 12.00 -15.34 1.20
C LYS B 12 12.34 -14.04 0.47
N ASN B 13 11.40 -13.53 -0.32
CA ASN B 13 11.62 -12.22 -0.95
C ASN B 13 12.06 -11.19 0.07
N PHE B 14 11.46 -11.23 1.27
CA PHE B 14 11.78 -10.25 2.30
C PHE B 14 13.05 -10.59 3.08
N SER B 15 13.28 -11.86 3.38
CA SER B 15 14.56 -12.24 3.98
C SER B 15 15.73 -11.91 3.06
N ASP B 16 15.63 -12.30 1.78
CA ASP B 16 16.68 -11.94 0.82
C ASP B 16 16.82 -10.42 0.71
N GLU B 17 15.72 -9.69 0.85
CA GLU B 17 15.72 -8.24 0.69
C GLU B 17 16.29 -7.51 1.91
N PHE B 18 15.90 -7.94 3.10
CA PHE B 18 16.20 -7.19 4.30
C PHE B 18 17.44 -7.67 5.06
N GLN B 19 18.07 -8.77 4.64
CA GLN B 19 19.16 -9.33 5.45
C GLN B 19 20.36 -8.40 5.54
N ASP B 20 20.55 -7.52 4.55
CA ASP B 20 21.67 -6.59 4.58
C ASP B 20 21.22 -5.18 4.95
N LYS B 21 20.02 -5.04 5.49
CA LYS B 21 19.44 -3.74 5.78
C LYS B 21 19.52 -3.43 7.27
N LEU B 22 19.71 -2.16 7.56
CA LEU B 22 19.71 -1.64 8.93
C LEU B 22 18.52 -0.69 9.07
N VAL B 23 17.62 -1.00 9.99
CA VAL B 23 16.36 -0.27 10.16
C VAL B 23 16.44 0.52 11.46
N LEU B 24 16.25 1.84 11.36
CA LEU B 24 16.15 2.72 12.52
C LEU B 24 14.68 3.04 12.75
N ILE B 25 14.15 2.64 13.91
CA ILE B 25 12.73 2.82 14.21
CA ILE B 25 12.72 2.79 14.22
C ILE B 25 12.58 3.63 15.49
N THR B 26 11.99 4.80 15.37
CA THR B 26 11.67 5.59 16.56
C THR B 26 10.39 5.02 17.16
N GLY B 27 10.26 5.14 18.48
CA GLY B 27 9.11 4.58 19.15
C GLY B 27 8.99 3.08 19.03
N GLY B 28 10.10 2.38 18.83
CA GLY B 28 10.10 0.94 18.60
C GLY B 28 9.73 0.11 19.80
N SER B 29 9.61 0.72 20.99
CA SER B 29 9.20 -0.02 22.16
C SER B 29 7.69 -0.11 22.33
N GLY B 30 6.91 0.63 21.52
CA GLY B 30 5.48 0.70 21.69
C GLY B 30 4.77 -0.51 21.10
N GLN B 31 3.44 -0.43 21.06
CA GLN B 31 2.66 -1.57 20.60
C GLN B 31 2.95 -1.89 19.14
N ILE B 32 2.83 -0.89 18.26
CA ILE B 32 3.11 -1.15 16.85
C ILE B 32 4.60 -1.31 16.63
N GLY B 33 5.41 -0.41 17.22
CA GLY B 33 6.85 -0.46 17.04
C GLY B 33 7.46 -1.80 17.39
N SER B 34 7.02 -2.40 18.51
CA SER B 34 7.58 -3.69 18.92
CA SER B 34 7.61 -3.67 18.91
C SER B 34 7.28 -4.77 17.90
N GLU B 35 6.07 -4.76 17.35
CA GLU B 35 5.75 -5.73 16.30
C GLU B 35 6.65 -5.52 15.08
N LEU B 36 6.90 -4.27 14.72
CA LEU B 36 7.77 -4.01 13.58
C LEU B 36 9.20 -4.44 13.87
N VAL B 37 9.70 -4.20 15.08
CA VAL B 37 11.04 -4.65 15.44
C VAL B 37 11.13 -6.17 15.31
N GLU B 38 10.19 -6.89 15.94
CA GLU B 38 10.19 -8.35 15.87
C GLU B 38 10.15 -8.84 14.43
N SER B 39 9.32 -8.21 13.58
CA SER B 39 9.19 -8.66 12.20
C SER B 39 10.46 -8.43 11.40
N TYR B 40 11.07 -7.26 11.52
CA TYR B 40 12.32 -7.01 10.81
C TYR B 40 13.43 -7.94 11.30
N LEU B 41 13.52 -8.19 12.61
CA LEU B 41 14.52 -9.14 13.09
C LEU B 41 14.30 -10.53 12.50
N SER B 42 13.04 -10.93 12.30
CA SER B 42 12.79 -12.29 11.82
C SER B 42 13.17 -12.46 10.35
N VAL B 43 13.27 -11.37 9.58
CA VAL B 43 13.73 -11.45 8.19
C VAL B 43 15.18 -10.99 8.09
N SER B 44 15.94 -11.17 9.17
CA SER B 44 17.40 -11.03 9.25
C SER B 44 17.91 -9.59 9.18
N ALA B 45 17.03 -8.60 9.28
CA ALA B 45 17.51 -7.22 9.32
C ALA B 45 18.21 -6.93 10.65
N ARG B 46 19.04 -5.90 10.65
CA ARG B 46 19.52 -5.30 11.89
C ARG B 46 18.60 -4.15 12.23
N VAL B 47 18.28 -4.00 13.52
CA VAL B 47 17.27 -3.03 13.95
C VAL B 47 17.83 -2.19 15.09
N ILE B 48 17.70 -0.88 14.97
CA ILE B 48 18.00 0.05 16.05
C ILE B 48 16.69 0.69 16.48
N CYS B 49 16.34 0.55 17.75
CA CYS B 49 15.15 1.18 18.30
C CYS B 49 15.57 2.43 19.08
N LEU B 50 14.99 3.59 18.72
CA LEU B 50 15.16 4.83 19.47
C LEU B 50 13.88 5.12 20.22
N ASP B 51 13.96 5.12 21.56
CA ASP B 51 12.76 5.23 22.38
C ASP B 51 13.22 5.57 23.78
N PRO B 52 12.55 6.47 24.51
CA PRO B 52 12.92 6.68 25.93
C PRO B 52 12.62 5.48 26.79
N GLU B 53 11.70 4.61 26.37
CA GLU B 53 11.29 3.44 27.13
C GLU B 53 12.00 2.21 26.62
N GLN B 54 12.39 1.37 27.55
CA GLN B 54 13.05 0.12 27.21
C GLN B 54 12.04 -0.84 26.58
N PRO B 55 12.46 -1.63 25.58
CA PRO B 55 11.59 -2.69 25.07
C PRO B 55 11.13 -3.61 26.19
N SER B 56 9.88 -4.07 26.10
CA SER B 56 9.30 -4.96 27.09
C SER B 56 9.67 -6.41 26.85
N VAL B 57 10.25 -6.72 25.70
CA VAL B 57 10.66 -8.06 25.33
C VAL B 57 12.18 -8.07 25.20
N ASP B 58 12.81 -9.15 25.66
CA ASP B 58 14.22 -9.39 25.43
C ASP B 58 14.35 -10.15 24.11
N TYR B 59 14.73 -9.45 23.04
CA TYR B 59 14.82 -10.11 21.74
C TYR B 59 15.96 -11.11 21.66
N LYS B 60 16.95 -11.03 22.56
CA LYS B 60 18.06 -11.98 22.60
C LYS B 60 18.72 -12.11 21.23
N SER B 61 19.02 -10.97 20.61
CA SER B 61 19.59 -10.93 19.28
C SER B 61 20.72 -9.92 19.24
N ASN B 62 21.88 -10.34 18.76
CA ASN B 62 22.94 -9.37 18.52
C ASN B 62 22.72 -8.55 17.25
N ARG B 63 21.58 -8.74 16.58
CA ARG B 63 21.18 -7.88 15.49
C ARG B 63 20.21 -6.79 15.93
N PHE B 64 19.96 -6.66 17.25
CA PHE B 64 19.08 -5.64 17.80
C PHE B 64 19.85 -4.74 18.76
N GLU B 65 19.54 -3.44 18.71
CA GLU B 65 20.12 -2.46 19.63
C GLU B 65 19.05 -1.46 20.03
N TRP B 66 18.92 -1.20 21.34
CA TRP B 66 18.06 -0.14 21.85
C TRP B 66 18.92 1.05 22.25
N ILE B 67 18.56 2.22 21.77
CA ILE B 67 19.19 3.46 22.20
C ILE B 67 18.16 4.29 22.95
N GLN B 68 18.40 4.52 24.23
CA GLN B 68 17.51 5.38 25.00
C GLN B 68 17.63 6.81 24.49
N ALA B 69 16.56 7.34 23.92
CA ALA B 69 16.66 8.62 23.22
C ALA B 69 15.31 9.31 23.19
N ASP B 70 15.37 10.63 23.12
CA ASP B 70 14.20 11.51 23.04
C ASP B 70 14.30 12.25 21.71
N ILE B 71 13.39 11.94 20.78
CA ILE B 71 13.45 12.52 19.44
C ILE B 71 13.07 13.99 19.42
N THR B 72 12.63 14.56 20.54
CA THR B 72 12.39 15.99 20.59
C THR B 72 13.64 16.77 20.95
N ASN B 73 14.75 16.09 21.28
CA ASN B 73 15.98 16.72 21.75
C ASN B 73 17.02 16.69 20.63
N ARG B 74 17.24 17.84 19.98
CA ARG B 74 18.21 17.87 18.87
C ARG B 74 19.61 17.46 19.32
N LYS B 75 20.05 17.90 20.50
CA LYS B 75 21.40 17.57 20.93
C LYS B 75 21.56 16.06 21.08
N GLU B 76 20.57 15.39 21.67
CA GLU B 76 20.58 13.92 21.79
C GLU B 76 20.65 13.25 20.43
N ILE B 77 19.78 13.67 19.51
CA ILE B 77 19.74 13.03 18.20
C ILE B 77 21.04 13.28 17.44
N LYS B 78 21.55 14.51 17.51
CA LYS B 78 22.80 14.84 16.84
C LYS B 78 23.92 13.91 17.28
N GLU B 79 24.07 13.73 18.59
CA GLU B 79 25.13 12.88 19.10
C GLU B 79 24.93 11.43 18.70
N ILE B 80 23.68 10.96 18.69
CA ILE B 80 23.39 9.60 18.24
C ILE B 80 23.79 9.43 16.78
N PHE B 81 23.45 10.40 15.93
CA PHE B 81 23.77 10.23 14.52
C PHE B 81 25.26 10.29 14.26
N LEU B 82 26.00 11.07 15.05
CA LEU B 82 27.45 11.03 14.95
CA LEU B 82 27.46 11.02 14.94
C LEU B 82 27.98 9.64 15.31
N SER B 83 27.46 9.06 16.39
CA SER B 83 27.89 7.73 16.80
C SER B 83 27.52 6.67 15.75
N LEU B 84 26.33 6.78 15.15
CA LEU B 84 25.94 5.83 14.11
C LEU B 84 26.89 5.88 12.93
N GLU B 85 27.27 7.08 12.50
CA GLU B 85 28.22 7.21 11.40
C GLU B 85 29.58 6.67 11.80
N ASN B 86 30.04 7.00 13.01
CA ASN B 86 31.33 6.54 13.49
C ASN B 86 31.40 5.02 13.51
N GLN B 87 30.29 4.37 13.86
CA GLN B 87 30.24 2.91 14.01
C GLN B 87 29.82 2.20 12.74
N ASN B 88 29.73 2.90 11.61
CA ASN B 88 29.25 2.33 10.37
C ASN B 88 27.88 1.69 10.58
N LYS B 89 27.00 2.42 11.26
CA LYS B 89 25.63 1.98 11.41
C LYS B 89 24.72 2.97 10.69
N ILE B 90 24.96 3.18 9.40
CA ILE B 90 24.15 4.09 8.61
C ILE B 90 22.87 3.35 8.23
N PRO B 91 21.71 3.81 8.68
CA PRO B 91 20.47 3.10 8.38
C PRO B 91 20.17 3.08 6.89
N ASP B 92 19.50 2.01 6.45
CA ASP B 92 18.94 1.95 5.12
C ASP B 92 17.49 2.38 5.09
N ILE B 93 16.81 2.26 6.22
CA ILE B 93 15.38 2.47 6.36
C ILE B 93 15.18 3.23 7.65
N LEU B 94 14.45 4.35 7.58
CA LEU B 94 14.03 5.13 8.74
C LEU B 94 12.53 4.97 8.92
N ILE B 95 12.09 4.51 10.08
CA ILE B 95 10.66 4.38 10.39
C ILE B 95 10.33 5.33 11.52
N ASN B 96 9.57 6.39 11.21
CA ASN B 96 9.15 7.38 12.22
C ASN B 96 7.86 6.88 12.87
N CYS B 97 8.01 5.92 13.76
CA CYS B 97 6.84 5.30 14.36
C CYS B 97 6.41 5.98 15.65
N ALA B 98 7.28 6.75 16.29
CA ALA B 98 6.92 7.39 17.54
C ALA B 98 5.76 8.36 17.33
N GLY B 99 4.80 8.33 18.24
CA GLY B 99 3.65 9.22 18.21
C GLY B 99 2.93 9.17 19.53
N ILE B 100 2.32 10.29 19.92
CA ILE B 100 1.55 10.37 21.17
C ILE B 100 0.27 11.15 20.92
N SER B 101 -0.58 11.20 21.94
CA SER B 101 -1.82 11.96 21.90
C SER B 101 -2.15 12.41 23.32
N VAL B 102 -3.29 13.06 23.46
CA VAL B 102 -3.82 13.51 24.74
CA VAL B 102 -3.82 13.52 24.73
C VAL B 102 -5.34 13.36 24.65
N PHE B 103 -6.00 13.23 25.80
CA PHE B 103 -7.39 12.78 25.73
C PHE B 103 -8.43 13.68 26.39
N THR B 104 -8.06 14.81 26.97
CA THR B 104 -9.03 15.74 27.53
C THR B 104 -9.69 16.55 26.41
N PRO B 105 -10.84 17.16 26.66
CA PRO B 105 -11.57 17.85 25.58
C PRO B 105 -10.83 19.07 25.06
N PHE B 106 -11.15 19.40 23.80
CA PHE B 106 -10.58 20.56 23.14
C PHE B 106 -10.61 21.80 24.01
N GLU B 107 -11.72 22.05 24.70
CA GLU B 107 -11.82 23.30 25.44
C GLU B 107 -10.92 23.31 26.67
N ASP B 108 -10.39 22.16 27.07
CA ASP B 108 -9.50 22.06 28.21
C ASP B 108 -8.05 21.87 27.82
N ARG B 109 -7.73 21.87 26.52
CA ARG B 109 -6.36 21.67 26.07
C ARG B 109 -5.46 22.77 26.62
N THR B 110 -4.36 22.37 27.26
CA THR B 110 -3.36 23.31 27.72
C THR B 110 -2.26 23.43 26.68
N ASP B 111 -1.48 24.51 26.77
CA ASP B 111 -0.38 24.64 25.82
C ASP B 111 0.68 23.55 26.04
N GLU B 112 0.85 23.10 27.28
CA GLU B 112 1.83 22.06 27.53
C GLU B 112 1.43 20.76 26.84
N GLU B 113 0.14 20.40 26.91
CA GLU B 113 -0.36 19.23 26.20
C GLU B 113 -0.18 19.40 24.69
N PHE B 114 -0.68 20.52 24.16
CA PHE B 114 -0.60 20.79 22.73
C PHE B 114 0.84 20.71 22.24
N ASN B 115 1.75 21.41 22.91
CA ASN B 115 3.14 21.45 22.47
C ASN B 115 3.83 20.10 22.58
N GLU B 116 3.46 19.28 23.58
CA GLU B 116 4.11 17.97 23.70
C GLU B 116 3.74 17.06 22.53
N VAL B 117 2.48 17.10 22.10
CA VAL B 117 2.06 16.27 20.97
C VAL B 117 2.73 16.75 19.69
N VAL B 118 2.78 18.07 19.49
CA VAL B 118 3.49 18.63 18.33
C VAL B 118 4.95 18.19 18.32
N HIS B 119 5.63 18.30 19.46
CA HIS B 119 7.06 18.01 19.48
C HIS B 119 7.35 16.56 19.14
N VAL B 120 6.60 15.61 19.69
CA VAL B 120 6.87 14.21 19.37
C VAL B 120 6.47 13.91 17.93
N ASN B 121 5.26 14.32 17.54
CA ASN B 121 4.71 13.91 16.24
C ASN B 121 5.35 14.71 15.09
N LEU B 122 5.36 16.05 15.18
CA LEU B 122 5.89 16.86 14.08
C LEU B 122 7.39 17.08 14.17
N ASN B 123 7.87 17.68 15.28
CA ASN B 123 9.32 17.91 15.42
C ASN B 123 10.10 16.61 15.31
N GLY B 124 9.62 15.55 15.94
CA GLY B 124 10.37 14.30 15.95
C GLY B 124 10.49 13.71 14.55
N THR B 125 9.40 13.69 13.79
CA THR B 125 9.48 13.19 12.42
C THR B 125 10.35 14.11 11.57
N PHE B 126 10.23 15.42 11.76
CA PHE B 126 11.06 16.39 11.04
C PHE B 126 12.54 16.18 11.37
N LEU B 127 12.86 16.08 12.65
CA LEU B 127 14.26 16.05 13.08
C LEU B 127 14.94 14.77 12.62
N LEU B 128 14.29 13.62 12.83
CA LEU B 128 14.89 12.36 12.39
C LEU B 128 14.99 12.31 10.87
N SER B 129 13.98 12.84 10.18
CA SER B 129 14.06 12.88 8.72
C SER B 129 15.20 13.79 8.27
N GLN B 130 15.43 14.87 9.00
CA GLN B 130 16.45 15.84 8.58
C GLN B 130 17.86 15.29 8.77
N TYR B 131 18.14 14.69 9.93
CA TYR B 131 19.45 14.09 10.14
C TYR B 131 19.68 12.93 9.19
N THR B 132 18.64 12.14 8.93
CA THR B 132 18.79 10.99 8.05
C THR B 132 18.98 11.42 6.59
N PHE B 133 18.20 12.39 6.13
CA PHE B 133 18.37 12.95 4.78
C PHE B 133 19.77 13.50 4.58
N ARG B 134 20.26 14.32 5.52
CA ARG B 134 21.59 14.91 5.37
C ARG B 134 22.67 13.82 5.30
N LEU B 135 22.56 12.78 6.12
CA LEU B 135 23.56 11.73 6.12
C LEU B 135 23.53 10.92 4.83
N TRP B 136 22.33 10.53 4.39
CA TRP B 136 22.20 9.77 3.15
C TRP B 136 22.69 10.55 1.94
N LYS B 137 22.29 11.81 1.86
CA LYS B 137 22.74 12.67 0.76
C LYS B 137 24.26 12.75 0.72
N GLU B 138 24.89 12.79 1.89
CA GLU B 138 26.34 12.92 1.94
C GLU B 138 27.03 11.61 1.55
N LYS B 139 26.45 10.48 1.95
CA LYS B 139 27.02 9.16 1.65
C LYS B 139 26.56 8.60 0.31
N GLY B 140 25.62 9.27 -0.36
CA GLY B 140 25.04 8.72 -1.57
C GLY B 140 24.19 7.48 -1.36
N LYS B 141 23.54 7.35 -0.20
CA LYS B 141 22.74 6.17 0.11
C LYS B 141 21.30 6.39 -0.33
N LYS B 142 20.76 5.39 -1.03
CA LYS B 142 19.38 5.48 -1.53
C LYS B 142 18.39 4.99 -0.48
N GLY B 143 18.32 5.70 0.63
CA GLY B 143 17.53 5.28 1.77
C GLY B 143 16.04 5.38 1.52
N ILE B 144 15.26 4.79 2.46
CA ILE B 144 13.79 4.83 2.44
C ILE B 144 13.29 5.30 3.80
N ILE B 145 12.36 6.24 3.79
CA ILE B 145 11.71 6.73 4.99
C ILE B 145 10.26 6.26 5.00
N LEU B 146 9.79 5.82 6.16
CA LEU B 146 8.38 5.47 6.33
C LEU B 146 7.85 6.19 7.55
N ASN B 147 6.85 7.05 7.35
CA ASN B 147 6.22 7.81 8.41
C ASN B 147 4.93 7.14 8.86
N PHE B 148 4.41 7.57 10.01
CA PHE B 148 3.19 7.01 10.55
C PHE B 148 2.16 8.12 10.71
N GLY B 149 1.09 8.03 9.91
CA GLY B 149 -0.05 8.90 10.08
C GLY B 149 -1.07 8.26 11.00
N SER B 150 -2.35 8.36 10.62
CA SER B 150 -3.47 7.81 11.34
C SER B 150 -4.71 8.03 10.49
N ILE B 151 -5.71 7.15 10.64
CA ILE B 151 -7.01 7.47 10.07
C ILE B 151 -7.47 8.86 10.49
N TYR B 152 -7.04 9.33 11.66
CA TYR B 152 -7.52 10.62 12.14
C TYR B 152 -6.71 11.79 11.59
N GLY B 153 -5.72 11.54 10.75
CA GLY B 153 -5.14 12.58 9.94
C GLY B 153 -5.77 12.69 8.57
N VAL B 154 -6.78 11.87 8.30
CA VAL B 154 -7.48 11.77 7.03
C VAL B 154 -8.97 11.96 7.31
N SER B 155 -9.53 11.13 8.18
CA SER B 155 -10.89 11.32 8.64
CA SER B 155 -10.88 11.30 8.66
C SER B 155 -10.85 12.12 9.94
N ILE B 156 -12.03 12.42 10.49
CA ILE B 156 -12.15 13.13 11.74
C ILE B 156 -12.83 12.21 12.75
N ALA B 157 -12.31 12.18 13.97
CA ALA B 157 -12.85 11.29 14.99
C ALA B 157 -14.29 11.66 15.33
N ASP B 158 -15.09 10.63 15.62
CA ASP B 158 -16.45 10.78 16.10
C ASP B 158 -16.42 10.66 17.62
N MET B 159 -16.67 11.78 18.32
CA MET B 159 -16.51 11.76 19.78
C MET B 159 -17.66 11.07 20.49
N ARG B 160 -18.70 10.68 19.76
CA ARG B 160 -19.76 9.86 20.34
C ARG B 160 -19.33 8.41 20.55
N ILE B 161 -18.22 7.97 19.95
CA ILE B 161 -17.80 6.58 20.16
C ILE B 161 -17.06 6.40 21.49
N TYR B 162 -16.61 7.50 22.11
CA TYR B 162 -15.88 7.41 23.39
C TYR B 162 -16.81 7.51 24.59
N ASN B 168 -12.51 12.24 22.69
CA ASN B 168 -11.24 12.01 23.37
C ASN B 168 -10.05 12.06 22.42
N SER B 169 -10.23 11.81 21.12
CA SER B 169 -9.16 12.06 20.16
C SER B 169 -9.08 13.57 19.92
N PRO B 170 -7.92 14.19 20.12
CA PRO B 170 -7.89 15.65 20.25
C PRO B 170 -7.56 16.37 18.95
N GLU B 171 -7.78 17.69 18.94
CA GLU B 171 -7.52 18.51 17.77
C GLU B 171 -6.06 18.42 17.35
N VAL B 172 -5.14 18.35 18.31
CA VAL B 172 -3.73 18.42 17.97
C VAL B 172 -3.27 17.12 17.33
N TYR B 173 -3.90 16.00 17.68
CA TYR B 173 -3.58 14.75 16.98
C TYR B 173 -3.99 14.82 15.51
N ALA B 174 -5.19 15.35 15.23
CA ALA B 174 -5.61 15.53 13.85
C ALA B 174 -4.67 16.47 13.12
N MET B 175 -4.31 17.59 13.76
CA MET B 175 -3.39 18.54 13.15
C MET B 175 -2.06 17.89 12.80
N THR B 176 -1.44 17.20 13.77
CA THR B 176 -0.08 16.73 13.54
C THR B 176 -0.06 15.52 12.60
N LYS B 177 -1.09 14.68 12.61
CA LYS B 177 -1.08 13.53 11.71
C LYS B 177 -1.36 13.95 10.27
N ALA B 178 -2.26 14.91 10.07
CA ALA B 178 -2.39 15.54 8.75
C ALA B 178 -1.07 16.16 8.32
N GLY B 179 -0.36 16.79 9.27
CA GLY B 179 0.92 17.41 8.94
C GLY B 179 1.98 16.40 8.53
N ILE B 180 1.97 15.22 9.15
CA ILE B 180 2.92 14.16 8.81
C ILE B 180 2.60 13.58 7.44
N ILE B 181 1.32 13.37 7.16
CA ILE B 181 0.93 12.90 5.83
C ILE B 181 1.40 13.88 4.76
N HIS B 182 1.28 15.18 5.02
CA HIS B 182 1.66 16.13 3.98
C HIS B 182 3.17 16.32 3.94
N PHE B 183 3.84 16.19 5.09
CA PHE B 183 5.30 16.18 5.11
C PHE B 183 5.85 15.03 4.29
N THR B 184 5.18 13.89 4.32
CA THR B 184 5.59 12.74 3.51
C THR B 184 5.63 13.10 2.03
N LYS B 185 4.56 13.76 1.55
CA LYS B 185 4.54 14.22 0.16
C LYS B 185 5.62 15.25 -0.10
N TYR B 186 5.80 16.20 0.83
CA TYR B 186 6.80 17.24 0.63
C TYR B 186 8.20 16.64 0.50
N LEU B 187 8.57 15.78 1.46
CA LEU B 187 9.93 15.25 1.46
C LEU B 187 10.13 14.25 0.33
N ALA B 188 9.07 13.52 -0.03
CA ALA B 188 9.16 12.63 -1.19
C ALA B 188 9.59 13.40 -2.43
N ARG B 189 8.98 14.56 -2.65
CA ARG B 189 9.35 15.34 -3.82
C ARG B 189 10.73 15.96 -3.63
N TYR B 190 11.03 16.43 -2.42
CA TYR B 190 12.31 17.09 -2.15
C TYR B 190 13.47 16.13 -2.25
N ALA B 191 13.32 14.91 -1.71
CA ALA B 191 14.41 13.95 -1.62
C ALA B 191 14.54 13.06 -2.85
N ALA B 192 13.55 13.06 -3.74
CA ALA B 192 13.59 12.19 -4.91
C ALA B 192 14.84 12.35 -5.77
N PRO B 193 15.38 13.55 -6.02
CA PRO B 193 16.60 13.64 -6.87
C PRO B 193 17.78 12.88 -6.31
N TYR B 194 17.78 12.58 -5.01
CA TYR B 194 18.81 11.80 -4.35
C TYR B 194 18.47 10.32 -4.24
N GLY B 195 17.42 9.87 -4.95
CA GLY B 195 17.05 8.47 -4.92
C GLY B 195 16.44 7.99 -3.62
N ILE B 196 15.95 8.90 -2.80
CA ILE B 196 15.37 8.57 -1.49
C ILE B 196 13.86 8.58 -1.64
N ARG B 197 13.20 7.48 -1.23
CA ARG B 197 11.75 7.40 -1.24
C ARG B 197 11.18 7.69 0.15
N VAL B 198 9.98 8.27 0.18
CA VAL B 198 9.32 8.67 1.42
C VAL B 198 7.83 8.33 1.29
N ASN B 199 7.33 7.49 2.19
CA ASN B 199 5.91 7.11 2.19
C ASN B 199 5.40 7.10 3.63
N CYS B 200 4.09 6.89 3.76
CA CYS B 200 3.43 6.97 5.05
C CYS B 200 2.43 5.84 5.17
N ILE B 201 2.29 5.29 6.38
CA ILE B 201 1.22 4.33 6.67
C ILE B 201 0.31 4.96 7.71
N SER B 202 -1.00 4.93 7.46
CA SER B 202 -1.98 5.45 8.41
C SER B 202 -2.82 4.30 8.95
N PRO B 203 -2.50 3.77 10.13
CA PRO B 203 -3.29 2.68 10.69
C PRO B 203 -4.66 3.14 11.13
N GLY B 204 -5.62 2.23 11.04
CA GLY B 204 -6.84 2.35 11.80
C GLY B 204 -6.59 2.02 13.26
N GLY B 205 -7.66 2.06 14.04
CA GLY B 205 -7.51 1.81 15.47
C GLY B 205 -7.03 0.40 15.74
N ILE B 206 -6.12 0.26 16.70
CA ILE B 206 -5.50 -1.00 17.03
C ILE B 206 -6.06 -1.48 18.37
N PHE B 207 -6.54 -2.72 18.40
CA PHE B 207 -7.03 -3.31 19.64
C PHE B 207 -5.94 -3.34 20.72
N ALA B 208 -6.27 -2.81 21.90
CA ALA B 208 -5.35 -2.80 23.04
C ALA B 208 -6.12 -2.92 24.36
N ASN B 209 -6.35 -1.78 25.01
CA ASN B 209 -7.01 -1.73 26.32
C ASN B 209 -8.26 -0.84 26.29
N GLN B 210 -8.97 -0.82 25.16
CA GLN B 210 -10.20 -0.06 25.10
C GLN B 210 -11.33 -0.84 25.78
N SER B 211 -12.39 -0.12 26.14
CA SER B 211 -13.56 -0.73 26.74
C SER B 211 -14.31 -1.55 25.71
N SER B 212 -15.14 -2.47 26.20
CA SER B 212 -15.92 -3.29 25.27
C SER B 212 -16.96 -2.46 24.53
N ASP B 213 -17.47 -1.41 25.17
CA ASP B 213 -18.40 -0.51 24.49
C ASP B 213 -17.70 0.23 23.35
N PHE B 214 -16.50 0.75 23.60
CA PHE B 214 -15.75 1.41 22.54
C PHE B 214 -15.55 0.47 21.36
N ILE B 215 -15.09 -0.76 21.63
CA ILE B 215 -14.78 -1.69 20.56
C ILE B 215 -16.01 -1.99 19.72
N GLN B 216 -17.17 -2.16 20.37
CA GLN B 216 -18.40 -2.41 19.62
C GLN B 216 -18.72 -1.23 18.70
N ASN B 217 -18.64 0.00 19.22
CA ASN B 217 -18.89 1.18 18.39
C ASN B 217 -17.88 1.30 17.26
N TYR B 218 -16.63 0.95 17.54
CA TYR B 218 -15.60 1.07 16.51
C TYR B 218 -15.82 0.04 15.41
N ILE B 219 -16.05 -1.22 15.78
CA ILE B 219 -16.27 -2.28 14.81
C ILE B 219 -17.48 -1.99 13.93
N TYR B 220 -18.48 -1.28 14.46
CA TYR B 220 -19.66 -0.93 13.66
C TYR B 220 -19.29 0.00 12.50
N LYS B 221 -18.29 0.85 12.69
CA LYS B 221 -17.82 1.74 11.63
C LYS B 221 -16.80 1.09 10.70
N THR B 222 -16.44 -0.18 10.93
CA THR B 222 -15.35 -0.80 10.18
C THR B 222 -15.92 -1.86 9.25
N PRO B 223 -15.84 -1.67 7.93
CA PRO B 223 -16.38 -2.67 6.99
C PRO B 223 -15.87 -4.08 7.24
N LEU B 224 -14.58 -4.25 7.52
CA LEU B 224 -14.06 -5.59 7.75
C LEU B 224 -14.39 -6.13 9.14
N GLY B 225 -15.09 -5.36 9.97
CA GLY B 225 -15.76 -5.92 11.13
C GLY B 225 -14.87 -6.28 12.30
N ARG B 226 -13.73 -5.61 12.45
CA ARG B 226 -12.84 -5.88 13.57
C ARG B 226 -11.86 -4.72 13.69
N MET B 227 -11.32 -4.53 14.90
CA MET B 227 -10.23 -3.58 15.04
C MET B 227 -8.94 -4.16 14.45
N GLY B 228 -7.94 -3.30 14.29
CA GLY B 228 -6.68 -3.77 13.78
C GLY B 228 -5.82 -4.41 14.84
N ASN B 229 -4.86 -5.20 14.38
CA ASN B 229 -3.76 -5.68 15.21
C ASN B 229 -2.45 -5.21 14.61
N PRO B 230 -1.39 -5.08 15.41
CA PRO B 230 -0.10 -4.67 14.84
C PRO B 230 0.34 -5.52 13.66
N SER B 231 0.10 -6.84 13.70
CA SER B 231 0.53 -7.69 12.60
C SER B 231 -0.16 -7.32 11.28
N ASP B 232 -1.35 -6.70 11.34
CA ASP B 232 -2.03 -6.22 10.11
C ASP B 232 -1.22 -5.18 9.37
N LEU B 233 -0.23 -4.56 10.02
CA LEU B 233 0.53 -3.49 9.42
C LEU B 233 1.82 -3.96 8.77
N VAL B 234 2.29 -5.16 9.11
CA VAL B 234 3.64 -5.57 8.72
C VAL B 234 3.75 -5.67 7.21
N GLY B 235 2.72 -6.21 6.55
CA GLY B 235 2.78 -6.38 5.11
C GLY B 235 3.01 -5.07 4.38
N GLY B 236 2.22 -4.05 4.71
CA GLY B 236 2.40 -2.74 4.09
C GLY B 236 3.71 -2.07 4.46
N VAL B 237 4.15 -2.22 5.71
CA VAL B 237 5.47 -1.74 6.11
C VAL B 237 6.55 -2.38 5.25
N PHE B 238 6.51 -3.72 5.11
CA PHE B 238 7.48 -4.40 4.27
C PHE B 238 7.35 -3.97 2.81
N PHE B 239 6.12 -3.87 2.32
CA PHE B 239 5.91 -3.43 0.94
C PHE B 239 6.59 -2.08 0.68
N LEU B 240 6.34 -1.10 1.55
CA LEU B 240 6.83 0.26 1.29
C LEU B 240 8.31 0.45 1.63
N THR B 241 8.95 -0.54 2.25
CA THR B 241 10.38 -0.40 2.53
C THR B 241 11.22 -1.42 1.77
N SER B 242 10.67 -2.04 0.72
CA SER B 242 11.35 -3.05 -0.07
C SER B 242 11.30 -2.69 -1.55
N SER B 243 12.02 -3.46 -2.37
CA SER B 243 12.04 -3.24 -3.81
C SER B 243 10.69 -3.53 -4.47
N LEU B 244 9.73 -4.11 -3.74
CA LEU B 244 8.40 -4.29 -4.31
CA LEU B 244 8.39 -4.29 -4.30
C LEU B 244 7.70 -2.97 -4.58
N SER B 245 8.20 -1.87 -4.00
CA SER B 245 7.60 -0.55 -4.18
C SER B 245 8.61 0.47 -4.74
N GLU B 246 9.57 0.01 -5.55
CA GLU B 246 10.60 0.90 -6.10
C GLU B 246 10.05 2.18 -6.76
N TYR B 247 8.86 2.10 -7.35
CA TYR B 247 8.30 3.23 -8.07
C TYR B 247 7.19 3.92 -7.28
N VAL B 248 7.15 3.72 -5.97
CA VAL B 248 6.12 4.30 -5.10
C VAL B 248 6.79 5.29 -4.16
N THR B 249 6.41 6.57 -4.27
CA THR B 249 6.92 7.55 -3.31
C THR B 249 5.86 8.64 -3.10
N GLY B 250 5.85 9.20 -1.90
CA GLY B 250 4.90 10.24 -1.57
C GLY B 250 3.51 9.77 -1.19
N GLN B 251 3.32 8.47 -0.97
CA GLN B 251 1.98 7.92 -0.79
C GLN B 251 1.67 7.72 0.69
N ASN B 252 0.38 7.84 1.02
CA ASN B 252 -0.17 7.49 2.34
C ASN B 252 -1.02 6.23 2.15
N LEU B 253 -0.67 5.15 2.83
CA LEU B 253 -1.37 3.88 2.71
C LEU B 253 -2.22 3.66 3.97
N LEU B 254 -3.55 3.68 3.81
CA LEU B 254 -4.46 3.46 4.92
CA LEU B 254 -4.48 3.46 4.90
C LEU B 254 -4.68 1.96 5.09
N ILE B 255 -4.43 1.47 6.31
CA ILE B 255 -4.57 0.06 6.65
C ILE B 255 -5.56 0.07 7.81
N ASP B 256 -6.85 0.02 7.48
CA ASP B 256 -7.88 0.38 8.46
C ASP B 256 -9.15 -0.41 8.26
N GLY B 257 -9.14 -1.49 7.50
CA GLY B 257 -10.33 -2.29 7.32
C GLY B 257 -11.48 -1.58 6.63
N GLY B 258 -11.21 -0.50 5.91
CA GLY B 258 -12.26 0.27 5.27
C GLY B 258 -12.85 1.38 6.13
N PHE B 259 -12.24 1.68 7.28
CA PHE B 259 -12.84 2.61 8.23
C PHE B 259 -13.13 3.98 7.60
N THR B 260 -12.21 4.51 6.79
CA THR B 260 -12.45 5.84 6.25
C THR B 260 -13.52 5.86 5.17
N ILE B 261 -13.80 4.71 4.54
CA ILE B 261 -15.00 4.63 3.70
C ILE B 261 -16.23 4.71 4.60
PA NAD C . -3.14 -2.16 -23.39
O1A NAD C . -3.90 -1.34 -24.45
O2A NAD C . -1.70 -2.68 -23.59
O5B NAD C . -4.08 -3.41 -22.90
C5B NAD C . -5.47 -3.28 -22.74
C4B NAD C . -5.99 -4.67 -22.95
O4B NAD C . -7.44 -4.56 -22.74
C3B NAD C . -5.78 -5.19 -24.39
O3B NAD C . -5.28 -6.55 -24.35
C2B NAD C . -7.20 -5.19 -24.96
O2B NAD C . -7.36 -6.24 -25.91
C1B NAD C . -8.05 -5.40 -23.68
N9A NAD C . -9.42 -5.00 -23.98
C8A NAD C . -9.86 -3.89 -24.70
N7A NAD C . -11.16 -3.89 -24.81
C5A NAD C . -11.60 -5.05 -24.17
C6A NAD C . -12.86 -5.61 -23.97
N6A NAD C . -13.97 -5.03 -24.41
N1A NAD C . -12.94 -6.75 -23.29
C2A NAD C . -11.83 -7.34 -22.83
N3A NAD C . -10.58 -6.89 -22.98
C4A NAD C . -10.52 -5.73 -23.65
O3 NAD C . -3.16 -1.35 -21.97
PN NAD C . -2.24 -1.39 -20.65
O1N NAD C . -1.22 -0.23 -20.64
O2N NAD C . -1.84 -2.83 -20.36
O5D NAD C . -3.40 -0.88 -19.52
C5D NAD C . -3.94 -1.80 -18.59
C4D NAD C . -4.75 -0.98 -17.58
O4D NAD C . -3.92 0.09 -16.98
C3D NAD C . -5.87 -0.21 -18.28
O3D NAD C . -7.02 -0.10 -17.41
C2D NAD C . -5.31 1.22 -18.52
O2D NAD C . -6.34 2.19 -18.53
C1D NAD C . -4.46 1.36 -17.22
N1N NAD C . -3.31 2.35 -17.29
C2N NAD C . -2.32 2.28 -18.21
C3N NAD C . -1.32 3.22 -18.20
C7N NAD C . -0.25 3.12 -19.25
O7N NAD C . 0.52 4.07 -19.41
N7N NAD C . -0.19 2.01 -20.00
C4N NAD C . -1.34 4.23 -17.23
C5N NAD C . -2.34 4.27 -16.30
C6N NAD C . -3.33 3.30 -16.35
PA NAD D . 2.43 3.42 21.73
O1A NAD D . 1.92 4.52 22.70
O2A NAD D . 2.24 1.94 22.08
O5B NAD D . 4.01 3.66 21.36
C5B NAD D . 4.57 4.93 21.08
C4B NAD D . 6.03 4.76 21.40
O4B NAD D . 6.63 6.07 21.08
C3B NAD D . 6.31 4.48 22.87
O3B NAD D . 7.25 3.38 23.02
C2B NAD D . 6.97 5.77 23.36
O2B NAD D . 7.91 5.54 24.41
C1B NAD D . 7.59 6.34 22.06
N9A NAD D . 7.85 7.76 22.30
C8A NAD D . 7.07 8.68 22.99
N7A NAD D . 7.66 9.84 23.06
C5A NAD D . 8.89 9.68 22.42
C6A NAD D . 9.97 10.53 22.19
N6A NAD D . 9.96 11.82 22.60
N1A NAD D . 11.02 10.06 21.51
C2A NAD D . 11.03 8.78 21.10
N3A NAD D . 10.06 7.89 21.28
C4A NAD D . 9.00 8.39 21.95
O3 NAD D . 1.81 3.69 20.26
PN NAD D . 1.36 2.71 19.05
O1N NAD D . -0.16 2.40 19.14
O2N NAD D . 2.43 1.64 18.91
O5D NAD D . 1.48 3.88 17.85
C5D NAD D . 2.63 3.88 17.03
C4D NAD D . 2.35 4.89 15.92
O4D NAD D . 1.07 4.59 15.22
C3D NAD D . 2.14 6.28 16.51
O3D NAD D . 2.62 7.29 15.61
C2D NAD D . 0.58 6.47 16.59
O2D NAD D . 0.17 7.82 16.50
C1D NAD D . 0.18 5.68 15.31
N1N NAD D . -1.21 5.10 15.36
C2N NAD D . -1.60 4.28 16.36
C3N NAD D . -2.88 3.78 16.36
C7N NAD D . -3.30 2.88 17.46
O7N NAD D . -4.48 2.60 17.57
N7N NAD D . -2.36 2.41 18.31
C4N NAD D . -3.75 4.14 15.31
C5N NAD D . -3.33 4.99 14.32
C6N NAD D . -2.02 5.47 14.35
#